data_2W1K
#
_entry.id   2W1K
#
_cell.length_a   122.638
_cell.length_b   122.638
_cell.length_c   122.638
_cell.angle_alpha   90.00
_cell.angle_beta   90.00
_cell.angle_gamma   90.00
#
_symmetry.space_group_name_H-M   'P 2 3'
#
loop_
_entity.id
_entity.type
_entity.pdbx_description
1 polymer 'PUTATIVE SORTASE'
2 non-polymer '2-(N-MORPHOLINO)-ETHANESULFONIC ACID'
3 water water
#
_entity_poly.entity_id   1
_entity_poly.type   'polypeptide(L)'
_entity_poly.pdbx_seq_one_letter_code
;QSLGQVKGHATFVKSMTTEMYQEQQNHSLAYNQRLASQNRIVDPFLAEGYEVNYQVSDDPDAVYGYLSIPSLEIMEPVYL
GADYHHLGMGLAHVDGTPLPLDGTGIRSVIAGHRAEPSHVFFRHLDQLKVGDALYYDNGQEIVEYQMMDTEIILPSEWEK
LESVSSKNIMTLITCDPIPTFNKRLLVNFERVAVYQKSDPQTAAVARVAFTKEGQSVSRVATSQWLYRGLVVLAFLGILF
VLWKLARLLRGK
;
_entity_poly.pdbx_strand_id   A,B
#
loop_
_chem_comp.id
_chem_comp.type
_chem_comp.name
_chem_comp.formula
MES non-polymer '2-(N-MORPHOLINO)-ETHANESULFONIC ACID' 'C6 H13 N O4 S'
#
# COMPACT_ATOMS: atom_id res chain seq x y z
N GLY A 4 31.30 -7.23 -4.05
CA GLY A 4 31.26 -8.57 -3.31
C GLY A 4 29.85 -8.89 -2.77
N GLN A 5 29.43 -8.15 -1.75
CA GLN A 5 27.96 -7.97 -1.52
C GLN A 5 27.24 -7.26 -2.71
N VAL A 6 27.86 -6.19 -3.19
CA VAL A 6 27.27 -5.45 -4.26
C VAL A 6 27.08 -6.25 -5.57
N LYS A 7 27.73 -7.39 -5.71
CA LYS A 7 27.70 -8.09 -6.97
C LYS A 7 26.39 -8.95 -7.10
N GLY A 8 26.01 -9.55 -5.99
CA GLY A 8 24.82 -10.34 -5.97
C GLY A 8 23.63 -9.44 -6.19
N HIS A 9 23.66 -8.29 -5.52
CA HIS A 9 22.60 -7.29 -5.62
C HIS A 9 22.52 -6.82 -7.07
N ALA A 10 23.65 -6.53 -7.68
CA ALA A 10 23.53 -6.02 -9.04
C ALA A 10 22.97 -7.14 -9.92
N THR A 11 23.36 -8.39 -9.69
CA THR A 11 22.78 -9.43 -10.55
C THR A 11 21.25 -9.63 -10.29
N PHE A 12 20.88 -9.77 -9.01
CA PHE A 12 19.47 -9.68 -8.58
C PHE A 12 18.74 -8.62 -9.39
N VAL A 13 19.18 -7.36 -9.25
CA VAL A 13 18.50 -6.28 -9.91
C VAL A 13 18.41 -6.44 -11.42
N LYS A 14 19.54 -6.72 -12.09
CA LYS A 14 19.56 -6.49 -13.53
C LYS A 14 18.73 -7.56 -14.18
N SER A 15 18.67 -8.72 -13.55
CA SER A 15 17.97 -9.80 -14.17
C SER A 15 16.44 -9.59 -14.10
N MET A 16 15.95 -8.82 -13.12
CA MET A 16 14.52 -8.67 -12.92
C MET A 16 13.87 -7.77 -13.96
N THR A 17 13.42 -8.32 -15.06
CA THR A 17 12.57 -7.57 -15.95
C THR A 17 11.22 -7.13 -15.28
N THR A 18 10.52 -6.19 -15.92
CA THR A 18 9.17 -5.85 -15.59
C THR A 18 8.20 -7.05 -15.48
N GLU A 19 8.33 -8.00 -16.42
CA GLU A 19 7.48 -9.20 -16.42
C GLU A 19 7.80 -10.09 -15.24
N MET A 20 9.07 -10.38 -14.96
CA MET A 20 9.42 -11.07 -13.73
C MET A 20 8.92 -10.36 -12.42
N TYR A 21 8.99 -9.05 -12.37
CA TYR A 21 8.70 -8.33 -11.21
C TYR A 21 7.18 -8.45 -11.00
N GLN A 22 6.42 -8.30 -12.06
CA GLN A 22 4.93 -8.35 -11.91
C GLN A 22 4.46 -9.78 -11.51
N GLU A 23 5.16 -10.79 -12.04
CA GLU A 23 4.87 -12.11 -11.63
C GLU A 23 5.25 -12.35 -10.12
N GLN A 24 6.38 -11.81 -9.64
CA GLN A 24 6.67 -11.92 -8.19
C GLN A 24 5.67 -11.14 -7.35
N GLN A 25 5.27 -9.97 -7.82
CA GLN A 25 4.22 -9.22 -7.15
C GLN A 25 2.97 -10.07 -6.95
N ASN A 26 2.49 -10.65 -8.04
CA ASN A 26 1.23 -11.36 -7.99
C ASN A 26 1.33 -12.70 -7.19
N HIS A 27 2.41 -13.48 -7.39
CA HIS A 27 2.67 -14.64 -6.56
C HIS A 27 2.79 -14.31 -5.09
N SER A 28 3.43 -13.16 -4.77
CA SER A 28 3.53 -12.76 -3.38
C SER A 28 2.16 -12.37 -2.78
N LEU A 29 1.40 -11.60 -3.54
CA LEU A 29 0.02 -11.32 -3.09
C LEU A 29 -0.71 -12.63 -2.75
N ALA A 30 -0.65 -13.64 -3.67
CA ALA A 30 -1.29 -14.95 -3.53
C ALA A 30 -0.81 -15.62 -2.30
N TYR A 31 0.49 -15.58 -2.10
CA TYR A 31 0.97 -16.19 -0.90
C TYR A 31 0.39 -15.48 0.35
N ASN A 32 0.35 -14.12 0.36
CA ASN A 32 -0.19 -13.47 1.55
C ASN A 32 -1.66 -13.88 1.79
N GLN A 33 -2.43 -14.11 0.70
CA GLN A 33 -3.86 -14.36 0.75
C GLN A 33 -4.06 -15.72 1.36
N ARG A 34 -3.19 -16.70 1.08
CA ARG A 34 -3.38 -18.04 1.68
C ARG A 34 -3.11 -18.16 3.17
N LEU A 35 -2.35 -17.21 3.75
CA LEU A 35 -2.09 -17.25 5.20
C LEU A 35 -3.30 -17.20 6.16
N ALA A 36 -4.40 -16.53 5.80
CA ALA A 36 -5.62 -16.75 6.69
C ALA A 36 -5.75 -18.29 7.11
N SER A 37 -5.95 -19.15 6.09
CA SER A 37 -5.75 -20.65 6.18
C SER A 37 -4.62 -21.30 7.07
N GLN A 38 -3.32 -20.94 6.93
CA GLN A 38 -2.24 -21.45 7.85
C GLN A 38 -2.41 -21.09 9.35
N ASN A 39 -1.50 -21.58 10.20
CA ASN A 39 -1.54 -21.16 11.63
C ASN A 39 -0.23 -20.94 12.45
N ARG A 40 0.39 -22.04 12.88
CA ARG A 40 1.67 -21.98 13.54
C ARG A 40 2.82 -21.47 12.63
N ILE A 41 3.39 -20.38 13.10
CA ILE A 41 4.63 -19.88 12.58
C ILE A 41 5.66 -20.82 13.24
N VAL A 42 6.70 -21.27 12.57
CA VAL A 42 7.68 -22.16 13.24
C VAL A 42 8.85 -21.30 13.71
N ASP A 43 9.46 -21.62 14.86
CA ASP A 43 10.70 -20.96 15.19
C ASP A 43 11.78 -21.17 14.15
N PRO A 44 12.33 -20.07 13.58
CA PRO A 44 13.37 -20.13 12.54
C PRO A 44 14.71 -20.67 13.04
N PHE A 45 14.93 -20.71 14.32
CA PHE A 45 16.22 -21.16 14.84
C PHE A 45 16.02 -22.47 15.56
N LEU A 46 14.92 -23.15 15.25
CA LEU A 46 15.07 -24.53 15.41
C LEU A 46 16.32 -25.18 14.96
N ALA A 47 16.66 -24.93 13.69
CA ALA A 47 16.81 -25.99 12.76
C ALA A 47 16.70 -25.52 11.30
N GLU A 48 16.56 -26.53 10.42
CA GLU A 48 15.85 -26.37 9.16
C GLU A 48 14.32 -26.11 9.40
N GLY A 49 13.48 -26.49 8.45
CA GLY A 49 12.08 -26.10 8.57
C GLY A 49 11.08 -26.94 7.82
N TYR A 50 10.49 -27.90 8.56
CA TYR A 50 9.29 -28.64 8.13
C TYR A 50 9.18 -28.90 6.62
N GLU A 51 8.14 -28.34 5.99
CA GLU A 51 8.09 -28.35 4.52
C GLU A 51 7.42 -27.18 3.90
N VAL A 52 8.21 -26.30 3.29
CA VAL A 52 7.61 -25.10 2.78
C VAL A 52 7.45 -25.08 1.28
N ASN A 53 6.34 -24.60 0.79
CA ASN A 53 6.25 -24.35 -0.65
C ASN A 53 5.63 -23.00 -0.86
N TYR A 54 6.49 -21.99 -1.02
CA TYR A 54 6.00 -20.65 -1.24
C TYR A 54 5.31 -20.53 -2.59
N GLN A 55 5.75 -21.25 -3.60
CA GLN A 55 5.20 -21.10 -4.98
C GLN A 55 5.27 -19.63 -5.42
N VAL A 56 6.36 -18.98 -5.11
CA VAL A 56 6.52 -17.58 -5.55
C VAL A 56 7.50 -17.65 -6.79
N SER A 57 8.53 -18.47 -6.66
CA SER A 57 9.48 -18.63 -7.79
C SER A 57 9.53 -20.10 -8.24
N ASP A 58 10.01 -20.38 -9.46
CA ASP A 58 10.20 -21.78 -9.83
C ASP A 58 11.38 -22.42 -9.13
N ASP A 59 12.29 -21.60 -8.62
CA ASP A 59 13.47 -22.02 -7.92
C ASP A 59 13.26 -21.69 -6.41
N PRO A 60 13.07 -22.71 -5.62
CA PRO A 60 12.91 -22.57 -4.17
C PRO A 60 14.06 -21.78 -3.48
N ASP A 61 15.26 -21.78 -4.06
CA ASP A 61 16.40 -21.02 -3.52
C ASP A 61 16.74 -19.68 -4.25
N ALA A 62 15.82 -19.07 -5.05
CA ALA A 62 16.17 -17.84 -5.66
C ALA A 62 16.17 -16.72 -4.59
N VAL A 63 17.03 -15.73 -4.80
CA VAL A 63 16.97 -14.57 -3.99
C VAL A 63 15.63 -13.81 -4.24
N TYR A 64 14.85 -13.62 -3.15
CA TYR A 64 13.61 -12.97 -3.32
C TYR A 64 13.72 -11.38 -3.29
N GLY A 65 14.64 -10.87 -2.44
CA GLY A 65 14.83 -9.40 -2.24
C GLY A 65 16.22 -9.14 -1.70
N TYR A 66 16.60 -7.86 -1.63
CA TYR A 66 17.80 -7.47 -0.89
C TYR A 66 17.48 -6.54 0.23
N LEU A 67 18.20 -6.71 1.32
CA LEU A 67 17.91 -5.96 2.51
C LEU A 67 19.20 -5.22 2.97
N SER A 68 19.02 -3.98 3.37
CA SER A 68 20.17 -3.20 3.71
C SER A 68 19.89 -2.38 4.96
N ILE A 69 20.83 -2.36 5.93
CA ILE A 69 20.69 -1.47 7.10
C ILE A 69 22.03 -0.75 7.22
N PRO A 70 22.15 0.38 6.54
CA PRO A 70 23.40 1.11 6.42
C PRO A 70 24.06 1.39 7.76
N SER A 71 23.26 1.71 8.77
CA SER A 71 23.90 2.11 9.98
C SER A 71 24.63 0.93 10.61
N LEU A 72 24.42 -0.30 10.15
CA LEU A 72 25.09 -1.49 10.70
C LEU A 72 25.97 -2.13 9.64
N GLU A 73 26.10 -1.46 8.49
CA GLU A 73 26.70 -1.99 7.29
C GLU A 73 26.25 -3.40 7.01
N ILE A 74 24.95 -3.58 7.00
CA ILE A 74 24.36 -4.84 6.58
C ILE A 74 23.78 -4.70 5.20
N MET A 75 24.19 -5.55 4.27
CA MET A 75 23.59 -5.58 2.94
CA MET A 75 23.53 -5.60 2.97
C MET A 75 23.52 -7.05 2.49
N GLU A 76 22.31 -7.68 2.49
CA GLU A 76 22.24 -9.14 2.30
C GLU A 76 21.07 -9.58 1.39
N PRO A 77 21.27 -10.66 0.64
CA PRO A 77 20.10 -11.29 0.04
C PRO A 77 19.08 -11.79 1.03
N VAL A 78 17.83 -11.74 0.62
CA VAL A 78 16.82 -12.40 1.43
C VAL A 78 16.25 -13.62 0.68
N TYR A 79 16.28 -14.77 1.36
CA TYR A 79 15.68 -16.01 0.80
C TYR A 79 14.31 -16.31 1.40
N LEU A 80 13.61 -17.23 0.77
CA LEU A 80 12.28 -17.63 1.28
C LEU A 80 12.32 -18.94 2.09
N GLY A 81 11.91 -18.83 3.36
CA GLY A 81 11.97 -20.01 4.24
C GLY A 81 13.27 -20.14 5.05
N ALA A 82 13.15 -20.22 6.37
CA ALA A 82 14.26 -19.91 7.19
C ALA A 82 14.73 -21.28 7.66
N ASP A 83 15.48 -22.02 6.87
CA ASP A 83 16.07 -23.30 7.32
C ASP A 83 17.60 -23.06 7.48
N TYR A 84 18.30 -24.09 7.88
CA TYR A 84 19.73 -24.06 8.06
C TYR A 84 20.42 -23.63 6.81
N HIS A 85 20.00 -24.19 5.67
CA HIS A 85 20.63 -23.96 4.38
C HIS A 85 20.54 -22.50 4.05
N HIS A 86 19.32 -21.94 3.99
CA HIS A 86 19.16 -20.50 3.69
C HIS A 86 19.81 -19.55 4.72
N LEU A 87 19.66 -19.88 5.99
CA LEU A 87 20.27 -19.04 7.00
C LEU A 87 21.78 -19.10 7.00
N GLY A 88 22.34 -20.14 6.36
CA GLY A 88 23.79 -20.22 6.18
C GLY A 88 24.21 -19.33 5.03
N MET A 89 23.25 -18.95 4.16
CA MET A 89 23.63 -18.14 2.99
C MET A 89 23.21 -16.66 2.97
N GLY A 90 22.45 -16.21 3.96
CA GLY A 90 21.90 -14.87 3.92
C GLY A 90 20.78 -14.79 4.95
N LEU A 91 19.80 -13.88 4.69
CA LEU A 91 18.68 -13.67 5.63
C LEU A 91 17.54 -14.47 5.06
N ALA A 92 16.51 -14.77 5.85
CA ALA A 92 15.43 -15.69 5.31
C ALA A 92 14.09 -15.25 5.82
N HIS A 93 13.12 -15.08 4.90
CA HIS A 93 11.77 -14.76 5.31
C HIS A 93 11.20 -15.95 6.08
N VAL A 94 10.47 -15.67 7.15
CA VAL A 94 9.80 -16.68 8.03
C VAL A 94 8.42 -17.08 7.49
N ASP A 95 8.34 -18.31 7.00
CA ASP A 95 7.09 -18.84 6.48
C ASP A 95 5.98 -18.69 7.53
N GLY A 96 4.80 -18.25 7.06
CA GLY A 96 3.63 -18.19 7.84
C GLY A 96 3.49 -16.70 8.26
N THR A 97 4.47 -15.88 7.92
CA THR A 97 4.30 -14.38 8.01
C THR A 97 4.22 -13.84 6.57
N PRO A 98 3.47 -12.74 6.39
CA PRO A 98 3.37 -12.19 5.05
C PRO A 98 4.72 -11.81 4.45
N LEU A 99 4.78 -11.90 3.15
CA LEU A 99 5.88 -11.23 2.41
C LEU A 99 5.71 -9.68 2.51
N PRO A 100 6.81 -8.95 2.35
CA PRO A 100 6.80 -7.52 2.70
C PRO A 100 6.12 -6.62 1.63
N LEU A 101 4.79 -6.71 1.51
CA LEU A 101 4.09 -5.91 0.50
C LEU A 101 3.33 -4.80 1.20
N ASP A 102 2.79 -3.87 0.44
CA ASP A 102 2.04 -2.80 1.02
C ASP A 102 0.70 -3.25 1.66
N GLY A 103 0.07 -2.40 2.49
CA GLY A 103 -1.25 -2.78 3.02
C GLY A 103 -1.31 -2.73 4.53
N THR A 104 -2.51 -2.56 5.11
CA THR A 104 -2.62 -2.55 6.59
C THR A 104 -2.40 -3.95 7.15
N GLY A 105 -1.80 -4.04 8.35
CA GLY A 105 -1.91 -5.20 9.15
C GLY A 105 -0.89 -6.20 8.64
N ILE A 106 0.17 -5.76 7.96
CA ILE A 106 1.20 -6.69 7.47
C ILE A 106 2.37 -6.67 8.44
N ARG A 107 2.77 -7.81 8.95
CA ARG A 107 4.00 -7.84 9.75
C ARG A 107 4.89 -8.95 9.17
N SER A 108 5.85 -8.57 8.32
CA SER A 108 6.61 -9.56 7.55
C SER A 108 7.87 -9.83 8.40
N VAL A 109 8.25 -11.10 8.60
CA VAL A 109 9.36 -11.43 9.61
C VAL A 109 10.50 -12.05 8.82
N ILE A 110 11.69 -11.47 8.96
CA ILE A 110 12.92 -11.93 8.24
C ILE A 110 13.88 -12.39 9.39
N ALA A 111 14.44 -13.60 9.25
CA ALA A 111 15.35 -14.05 10.28
C ALA A 111 16.83 -13.93 9.85
N GLY A 112 17.74 -13.84 10.83
CA GLY A 112 19.13 -14.03 10.49
C GLY A 112 19.95 -14.43 11.68
N HIS A 113 21.06 -15.12 11.39
CA HIS A 113 21.99 -15.56 12.47
C HIS A 113 22.70 -14.50 13.26
N ARG A 114 22.98 -14.84 14.52
CA ARG A 114 23.60 -13.89 15.47
C ARG A 114 25.14 -14.02 15.46
N ALA A 115 25.60 -15.25 15.32
CA ALA A 115 27.03 -15.58 15.40
C ALA A 115 27.37 -16.84 14.55
N GLU A 116 26.81 -16.91 13.37
CA GLU A 116 27.19 -17.82 12.30
C GLU A 116 28.71 -17.77 12.01
N PRO A 117 29.35 -18.96 11.87
CA PRO A 117 30.78 -18.99 11.82
C PRO A 117 31.36 -18.09 10.75
N SER A 118 30.66 -17.74 9.69
CA SER A 118 31.49 -17.04 8.72
C SER A 118 31.01 -15.66 8.27
N HIS A 119 29.93 -15.13 8.87
CA HIS A 119 29.25 -13.92 8.44
C HIS A 119 28.60 -13.18 9.58
N VAL A 120 28.65 -11.88 9.55
CA VAL A 120 28.07 -11.07 10.64
C VAL A 120 26.58 -11.17 10.75
N PHE A 121 25.89 -11.08 9.60
CA PHE A 121 24.42 -11.20 9.54
C PHE A 121 23.77 -10.32 10.61
N PHE A 122 22.92 -10.90 11.47
CA PHE A 122 22.28 -10.02 12.47
C PHE A 122 23.07 -9.84 13.84
N ARG A 123 24.39 -10.14 13.84
CA ARG A 123 25.17 -10.08 15.13
C ARG A 123 24.77 -8.84 15.95
N HIS A 124 24.64 -7.72 15.24
CA HIS A 124 24.51 -6.37 15.84
C HIS A 124 23.14 -5.66 15.85
N LEU A 125 22.07 -6.38 15.66
CA LEU A 125 20.75 -5.74 15.71
C LEU A 125 20.51 -4.99 16.99
N ASP A 126 21.21 -5.37 18.05
CA ASP A 126 20.92 -4.77 19.41
C ASP A 126 21.39 -3.30 19.47
N GLN A 127 22.23 -2.90 18.51
CA GLN A 127 22.67 -1.51 18.37
C GLN A 127 21.69 -0.47 17.74
N LEU A 128 20.64 -0.95 17.06
CA LEU A 128 19.72 -0.14 16.34
C LEU A 128 18.99 0.77 17.30
N LYS A 129 18.82 2.04 16.88
CA LYS A 129 18.16 3.08 17.70
C LYS A 129 16.93 3.44 16.91
N VAL A 130 15.90 3.99 17.59
CA VAL A 130 14.62 4.29 16.99
C VAL A 130 14.91 5.29 15.83
N GLY A 131 14.34 5.11 14.65
CA GLY A 131 14.59 6.02 13.51
C GLY A 131 15.61 5.44 12.51
N ASP A 132 16.43 4.48 12.91
CA ASP A 132 17.40 4.03 11.99
C ASP A 132 16.69 3.43 10.80
N ALA A 133 17.33 3.56 9.63
CA ALA A 133 16.68 3.22 8.36
C ALA A 133 17.01 1.76 7.96
N LEU A 134 16.11 1.13 7.21
CA LEU A 134 16.31 -0.17 6.60
C LEU A 134 15.74 0.08 5.21
N TYR A 135 16.46 -0.36 4.20
CA TYR A 135 15.98 -0.28 2.84
C TYR A 135 15.82 -1.71 2.26
N TYR A 136 14.70 -1.94 1.54
CA TYR A 136 14.42 -3.24 1.07
C TYR A 136 14.25 -3.15 -0.45
N ASP A 137 14.97 -3.94 -1.23
CA ASP A 137 14.87 -3.80 -2.66
C ASP A 137 14.18 -5.02 -3.31
N ASN A 138 13.02 -4.82 -3.97
CA ASN A 138 12.26 -5.96 -4.55
C ASN A 138 12.59 -6.08 -6.00
N GLY A 139 13.57 -5.31 -6.42
CA GLY A 139 13.94 -5.32 -7.84
C GLY A 139 13.76 -4.02 -8.56
N GLN A 140 12.52 -3.56 -8.58
CA GLN A 140 12.10 -2.27 -9.23
C GLN A 140 11.80 -1.15 -8.31
N GLU A 141 11.71 -1.44 -7.01
CA GLU A 141 11.39 -0.46 -5.99
C GLU A 141 12.31 -0.66 -4.75
N ILE A 142 12.57 0.43 -4.02
CA ILE A 142 13.22 0.32 -2.76
C ILE A 142 12.24 0.75 -1.74
N VAL A 143 11.99 -0.08 -0.72
CA VAL A 143 10.95 0.32 0.25
C VAL A 143 11.79 0.78 1.42
N GLU A 144 11.38 1.86 2.04
CA GLU A 144 12.12 2.41 3.18
C GLU A 144 11.31 2.14 4.44
N TYR A 145 11.98 1.68 5.51
CA TYR A 145 11.36 1.52 6.87
C TYR A 145 12.19 2.24 7.93
N GLN A 146 11.64 2.43 9.11
CA GLN A 146 12.38 2.99 10.12
C GLN A 146 12.15 2.24 11.45
N MET A 147 13.24 2.05 12.18
CA MET A 147 13.19 1.35 13.48
C MET A 147 12.26 2.02 14.48
N MET A 148 11.30 1.20 14.95
CA MET A 148 10.30 1.64 15.88
CA MET A 148 10.27 1.63 15.85
C MET A 148 10.57 1.18 17.33
N ASP A 149 10.81 -0.13 17.54
CA ASP A 149 10.95 -0.63 18.91
C ASP A 149 11.50 -2.07 18.85
N THR A 150 11.70 -2.71 20.01
CA THR A 150 12.21 -4.07 20.09
C THR A 150 11.47 -4.89 21.13
N GLU A 151 11.58 -6.20 21.01
CA GLU A 151 11.10 -7.11 22.03
C GLU A 151 12.02 -8.26 22.21
N ILE A 152 11.97 -8.86 23.40
CA ILE A 152 12.63 -10.14 23.64
C ILE A 152 11.53 -11.16 23.80
N ILE A 153 11.60 -12.29 23.07
CA ILE A 153 10.53 -13.28 23.31
C ILE A 153 11.12 -14.66 23.52
N LEU A 154 10.31 -15.62 23.97
CA LEU A 154 10.72 -17.04 24.04
C LEU A 154 10.46 -17.69 22.68
N PRO A 155 11.31 -18.63 22.23
CA PRO A 155 11.12 -19.31 20.95
C PRO A 155 9.73 -20.00 20.79
N SER A 156 9.09 -20.42 21.88
CA SER A 156 7.81 -21.10 21.78
C SER A 156 6.66 -20.12 21.59
N GLU A 157 6.97 -18.84 21.76
CA GLU A 157 5.97 -17.79 21.69
C GLU A 157 5.72 -17.24 20.29
N TRP A 158 5.47 -18.17 19.38
CA TRP A 158 5.22 -17.90 17.96
C TRP A 158 4.08 -16.90 17.71
N GLU A 159 3.06 -16.87 18.57
CA GLU A 159 2.04 -15.86 18.46
C GLU A 159 2.59 -14.42 18.50
N LYS A 160 3.70 -14.23 19.17
CA LYS A 160 4.21 -12.91 19.28
C LYS A 160 4.90 -12.42 18.03
N LEU A 161 4.86 -13.25 16.99
CA LEU A 161 5.37 -12.89 15.64
C LEU A 161 4.24 -12.34 14.75
N GLU A 162 2.99 -12.49 15.16
CA GLU A 162 1.92 -12.07 14.33
C GLU A 162 1.64 -10.59 14.47
N SER A 163 0.95 -10.03 13.52
CA SER A 163 0.71 -8.59 13.47
C SER A 163 -0.10 -8.22 14.74
N VAL A 164 0.04 -7.01 15.20
CA VAL A 164 -0.53 -6.64 16.45
C VAL A 164 -1.27 -5.32 16.23
N SER A 165 -1.33 -4.87 14.97
CA SER A 165 -1.77 -3.50 14.69
C SER A 165 -2.04 -3.33 13.20
N SER A 166 -2.60 -2.20 12.80
CA SER A 166 -2.93 -2.00 11.41
C SER A 166 -1.72 -1.48 10.68
N LYS A 167 -0.60 -1.31 11.36
CA LYS A 167 0.62 -0.85 10.72
C LYS A 167 1.18 -1.83 9.71
N ASN A 168 2.10 -1.33 8.92
CA ASN A 168 2.83 -2.14 7.98
C ASN A 168 4.26 -2.26 8.55
N ILE A 169 4.67 -3.49 8.87
CA ILE A 169 5.85 -3.71 9.69
C ILE A 169 6.76 -4.72 9.07
N MET A 170 8.06 -4.53 9.24
CA MET A 170 9.01 -5.58 8.97
C MET A 170 9.69 -5.89 10.29
N THR A 171 9.64 -7.16 10.72
CA THR A 171 10.24 -7.51 12.04
C THR A 171 11.48 -8.37 11.77
N LEU A 172 12.62 -7.93 12.33
CA LEU A 172 13.89 -8.70 12.25
C LEU A 172 14.00 -9.63 13.48
N ILE A 173 14.34 -10.91 13.26
CA ILE A 173 14.46 -11.81 14.41
C ILE A 173 15.82 -12.50 14.38
N THR A 174 16.44 -12.61 15.57
CA THR A 174 17.71 -13.30 15.71
C THR A 174 17.79 -13.86 17.09
N CYS A 175 18.88 -14.64 17.38
CA CYS A 175 18.99 -15.30 18.67
C CYS A 175 19.60 -14.37 19.75
N ASP A 176 19.19 -14.55 20.99
CA ASP A 176 19.71 -13.69 22.04
C ASP A 176 19.61 -14.48 23.39
N PRO A 177 20.56 -14.28 24.33
CA PRO A 177 21.76 -13.47 24.22
C PRO A 177 22.93 -14.39 23.83
N ILE A 178 24.07 -13.82 23.45
CA ILE A 178 25.25 -14.60 23.14
C ILE A 178 25.78 -15.05 24.50
N PRO A 179 26.18 -16.36 24.69
CA PRO A 179 26.12 -17.49 23.73
C PRO A 179 24.93 -18.45 23.96
N THR A 180 24.02 -18.06 24.82
CA THR A 180 23.01 -18.93 25.31
C THR A 180 21.93 -19.09 24.30
N PHE A 181 21.50 -17.99 23.67
CA PHE A 181 20.63 -18.03 22.51
C PHE A 181 19.35 -18.71 22.83
N ASN A 182 18.92 -18.58 24.06
CA ASN A 182 17.76 -19.25 24.41
C ASN A 182 16.53 -18.33 24.28
N LYS A 183 16.78 -17.13 23.80
CA LYS A 183 15.67 -16.17 23.53
C LYS A 183 15.69 -15.66 22.09
N ARG A 184 14.72 -14.82 21.74
CA ARG A 184 14.74 -14.28 20.38
C ARG A 184 14.61 -12.80 20.54
N LEU A 185 15.56 -12.07 19.97
CA LEU A 185 15.44 -10.62 19.80
C LEU A 185 14.58 -10.18 18.56
N LEU A 186 13.56 -9.39 18.81
CA LEU A 186 12.78 -8.82 17.70
C LEU A 186 13.02 -7.34 17.60
N VAL A 187 13.34 -6.86 16.40
CA VAL A 187 13.44 -5.46 16.14
C VAL A 187 12.38 -5.11 15.05
N ASN A 188 11.40 -4.26 15.40
CA ASN A 188 10.30 -3.85 14.54
C ASN A 188 10.60 -2.58 13.80
N PHE A 189 10.24 -2.58 12.52
CA PHE A 189 10.45 -1.42 11.70
C PHE A 189 9.12 -1.04 11.03
N GLU A 190 8.79 0.26 10.90
CA GLU A 190 7.55 0.65 10.24
C GLU A 190 7.91 1.19 8.83
N ARG A 191 7.06 0.89 7.87
CA ARG A 191 7.27 1.29 6.54
C ARG A 191 7.07 2.75 6.41
N VAL A 192 8.00 3.38 5.70
CA VAL A 192 7.90 4.82 5.45
C VAL A 192 7.51 5.27 3.99
N ALA A 193 8.11 4.66 2.98
CA ALA A 193 7.91 5.16 1.63
C ALA A 193 8.41 4.01 0.73
N VAL A 194 8.01 4.09 -0.54
CA VAL A 194 8.38 3.15 -1.57
C VAL A 194 8.94 4.11 -2.69
N TYR A 195 10.13 3.82 -3.19
CA TYR A 195 10.68 4.58 -4.29
C TYR A 195 10.71 3.72 -5.48
N GLN A 196 10.31 4.29 -6.63
CA GLN A 196 10.44 3.61 -7.90
C GLN A 196 11.79 3.93 -8.44
N LYS A 197 12.43 2.91 -9.00
CA LYS A 197 13.75 3.10 -9.51
C LYS A 197 13.66 3.83 -10.85
N SER A 198 12.46 3.96 -11.38
CA SER A 198 12.26 4.77 -12.59
C SER A 198 12.25 6.28 -12.25
N ASP A 199 12.09 6.66 -10.98
CA ASP A 199 12.12 8.05 -10.55
C ASP A 199 13.56 8.53 -10.31
N PRO A 200 13.98 9.64 -10.98
CA PRO A 200 15.36 10.12 -10.75
C PRO A 200 15.75 10.32 -9.23
N GLN A 201 14.84 10.63 -8.32
CA GLN A 201 15.26 10.81 -6.93
C GLN A 201 15.71 9.48 -6.31
N THR A 202 15.37 8.38 -6.97
CA THR A 202 15.61 7.08 -6.34
C THR A 202 17.09 6.74 -6.27
N ALA A 203 17.83 7.38 -7.15
CA ALA A 203 19.24 7.13 -7.29
C ALA A 203 20.03 7.42 -6.00
N ALA A 204 19.75 8.55 -5.32
CA ALA A 204 20.34 8.79 -4.01
C ALA A 204 19.95 7.72 -2.93
N VAL A 205 18.76 7.12 -3.00
CA VAL A 205 18.39 6.07 -2.03
C VAL A 205 19.26 4.86 -2.38
N ALA A 206 19.38 4.56 -3.70
CA ALA A 206 20.10 3.34 -4.11
C ALA A 206 21.56 3.52 -3.69
N ARG A 207 22.05 4.76 -3.81
CA ARG A 207 23.47 4.96 -3.61
C ARG A 207 23.86 4.72 -2.12
N VAL A 208 23.03 5.29 -1.27
CA VAL A 208 23.17 5.19 0.17
C VAL A 208 22.97 3.78 0.79
N ALA A 209 21.99 3.06 0.22
CA ALA A 209 21.54 1.74 0.67
C ALA A 209 22.37 0.58 0.11
N PHE A 210 22.69 0.65 -1.18
CA PHE A 210 23.37 -0.45 -1.80
C PHE A 210 24.75 -0.08 -2.34
N THR A 211 25.46 0.72 -1.55
CA THR A 211 26.85 0.74 -1.83
C THR A 211 27.74 1.00 -0.59
N LYS A 212 27.48 1.95 0.15
N GLY B 4 -30.59 0.25 -10.79
CA GLY B 4 -30.48 1.23 -11.97
C GLY B 4 -29.09 1.90 -12.19
N GLN B 5 -28.47 2.31 -11.08
CA GLN B 5 -27.02 2.57 -11.00
C GLN B 5 -26.16 1.28 -11.07
N VAL B 6 -26.72 0.18 -10.58
CA VAL B 6 -25.99 -1.09 -10.52
C VAL B 6 -25.54 -1.58 -11.92
N LYS B 7 -26.20 -1.04 -12.94
CA LYS B 7 -25.97 -1.49 -14.29
C LYS B 7 -24.65 -0.89 -14.85
N GLY B 8 -24.43 0.39 -14.61
CA GLY B 8 -23.14 0.96 -14.91
C GLY B 8 -22.05 0.22 -14.15
N HIS B 9 -22.27 -0.07 -12.89
CA HIS B 9 -21.21 -0.68 -12.09
C HIS B 9 -20.92 -2.04 -12.66
N ALA B 10 -21.95 -2.76 -13.02
CA ALA B 10 -21.75 -4.12 -13.44
C ALA B 10 -21.03 -4.10 -14.79
N THR B 11 -21.31 -3.12 -15.66
CA THR B 11 -20.59 -3.14 -16.92
C THR B 11 -19.13 -2.70 -16.77
N PHE B 12 -18.92 -1.64 -15.98
CA PHE B 12 -17.57 -1.25 -15.52
C PHE B 12 -16.78 -2.46 -15.07
N VAL B 13 -17.33 -3.23 -14.15
CA VAL B 13 -16.59 -4.39 -13.67
C VAL B 13 -16.36 -5.40 -14.79
N LYS B 14 -17.37 -5.68 -15.58
CA LYS B 14 -17.34 -6.88 -16.38
C LYS B 14 -16.28 -6.72 -17.43
N SER B 15 -16.13 -5.48 -17.87
CA SER B 15 -15.24 -5.14 -18.93
C SER B 15 -13.74 -5.16 -18.49
N MET B 16 -13.46 -4.75 -17.23
CA MET B 16 -12.09 -4.75 -16.72
C MET B 16 -11.38 -6.13 -16.79
N THR B 17 -10.70 -6.42 -17.87
CA THR B 17 -9.84 -7.54 -17.88
C THR B 17 -8.66 -7.38 -16.85
N THR B 18 -7.91 -8.44 -16.58
CA THR B 18 -6.68 -8.31 -15.79
C THR B 18 -5.62 -7.43 -16.47
N GLU B 19 -5.52 -7.52 -17.81
CA GLU B 19 -4.57 -6.68 -18.55
C GLU B 19 -4.97 -5.22 -18.52
N MET B 20 -6.26 -4.93 -18.63
CA MET B 20 -6.70 -3.56 -18.46
C MET B 20 -6.51 -2.96 -17.06
N TYR B 21 -6.81 -3.72 -16.05
CA TYR B 21 -6.63 -3.33 -14.71
C TYR B 21 -5.16 -3.03 -14.45
N GLN B 22 -4.26 -3.84 -14.97
CA GLN B 22 -2.83 -3.66 -14.62
C GLN B 22 -2.29 -2.40 -15.32
N GLU B 23 -2.77 -2.18 -16.51
CA GLU B 23 -2.45 -0.96 -17.17
C GLU B 23 -3.01 0.29 -16.43
N GLN B 24 -4.19 0.22 -15.86
CA GLN B 24 -4.77 1.34 -15.15
C GLN B 24 -3.95 1.61 -13.88
N GLN B 25 -3.55 0.51 -13.23
CA GLN B 25 -2.63 0.57 -12.09
C GLN B 25 -1.35 1.31 -12.40
N ASN B 26 -0.63 0.90 -13.45
CA ASN B 26 0.60 1.55 -13.86
C ASN B 26 0.38 2.99 -14.34
N HIS B 27 -0.62 3.24 -15.19
CA HIS B 27 -0.89 4.64 -15.57
C HIS B 27 -1.22 5.52 -14.37
N SER B 28 -1.99 4.95 -13.42
CA SER B 28 -2.26 5.70 -12.22
C SER B 28 -1.02 5.98 -11.39
N LEU B 29 -0.19 4.98 -11.19
CA LEU B 29 1.10 5.18 -10.53
C LEU B 29 1.90 6.36 -11.15
N ALA B 30 1.99 6.37 -12.47
CA ALA B 30 2.67 7.40 -13.27
C ALA B 30 2.05 8.73 -13.00
N TYR B 31 0.71 8.75 -13.01
CA TYR B 31 0.05 9.99 -12.78
C TYR B 31 0.41 10.54 -11.37
N ASN B 32 0.39 9.65 -10.37
CA ASN B 32 0.79 10.10 -9.06
C ASN B 32 2.19 10.67 -9.00
N GLN B 33 3.13 10.01 -9.70
CA GLN B 33 4.56 10.35 -9.71
C GLN B 33 4.76 11.75 -10.31
N ARG B 34 3.95 12.19 -11.29
CA ARG B 34 4.16 13.53 -11.94
C ARG B 34 3.69 14.70 -11.07
N LEU B 35 2.83 14.41 -10.11
CA LEU B 35 2.35 15.39 -9.16
C LEU B 35 3.43 16.14 -8.38
N ALA B 36 4.51 15.48 -7.97
CA ALA B 36 5.68 16.27 -7.45
C ALA B 36 5.92 17.57 -8.31
N SER B 37 6.23 17.36 -9.61
CA SER B 37 6.27 18.41 -10.72
C SER B 37 5.12 19.46 -10.86
N GLN B 38 3.85 19.08 -10.63
CA GLN B 38 2.73 20.06 -10.70
C GLN B 38 2.69 21.01 -9.47
N ASN B 39 1.89 22.08 -9.56
CA ASN B 39 1.66 22.82 -8.32
C ASN B 39 0.27 23.35 -7.94
N ARG B 40 -0.64 23.58 -8.89
CA ARG B 40 -1.96 24.11 -8.43
C ARG B 40 -3.18 23.15 -8.61
N ILE B 41 -3.85 23.04 -7.48
CA ILE B 41 -5.06 22.32 -7.43
C ILE B 41 -6.12 23.39 -7.69
N VAL B 42 -7.06 23.16 -8.57
CA VAL B 42 -8.08 24.16 -8.85
C VAL B 42 -9.31 23.86 -8.03
N ASP B 43 -10.04 24.91 -7.62
CA ASP B 43 -11.36 24.64 -7.07
C ASP B 43 -12.27 23.89 -8.07
N PRO B 44 -12.79 22.70 -7.68
CA PRO B 44 -13.69 21.95 -8.59
C PRO B 44 -15.04 22.60 -8.89
N PHE B 45 -15.44 23.58 -8.10
CA PHE B 45 -16.79 24.18 -8.21
C PHE B 45 -16.73 25.62 -8.68
N LEU B 46 -15.66 25.89 -9.40
CA LEU B 46 -15.56 27.12 -10.14
C LEU B 46 -16.51 27.07 -11.35
N ALA B 47 -16.45 25.91 -12.03
CA ALA B 47 -17.05 25.59 -13.34
C ALA B 47 -16.52 24.21 -13.80
N GLU B 48 -16.25 24.15 -15.12
CA GLU B 48 -15.27 23.27 -15.76
C GLU B 48 -13.83 23.52 -15.26
N GLY B 49 -12.85 22.98 -15.97
CA GLY B 49 -11.53 22.94 -15.38
C GLY B 49 -10.32 22.88 -16.29
N TYR B 50 -9.86 24.08 -16.68
CA TYR B 50 -8.58 24.31 -17.38
C TYR B 50 -8.35 23.10 -18.27
N GLU B 51 -7.11 22.79 -18.63
CA GLU B 51 -6.90 21.58 -19.43
C GLU B 51 -6.25 20.44 -18.74
N VAL B 52 -6.99 19.35 -18.58
CA VAL B 52 -6.43 18.24 -17.84
C VAL B 52 -6.17 17.10 -18.77
N ASN B 53 -4.98 16.57 -18.65
CA ASN B 53 -4.59 15.40 -19.35
C ASN B 53 -4.07 14.31 -18.45
N TYR B 54 -4.98 13.47 -17.91
CA TYR B 54 -4.59 12.37 -17.04
C TYR B 54 -3.71 11.31 -17.69
N GLN B 55 -3.93 10.96 -18.97
CA GLN B 55 -3.13 9.94 -19.66
C GLN B 55 -3.21 8.65 -18.84
N VAL B 56 -4.42 8.36 -18.36
CA VAL B 56 -4.66 7.11 -17.63
C VAL B 56 -5.44 6.17 -18.61
N SER B 57 -6.40 6.73 -19.31
CA SER B 57 -7.14 5.94 -20.30
C SER B 57 -7.11 6.66 -21.68
N ASP B 58 -7.39 5.90 -22.75
CA ASP B 58 -7.51 6.49 -24.08
C ASP B 58 -8.73 7.36 -24.23
N ASP B 59 -9.75 7.07 -23.46
CA ASP B 59 -10.98 7.82 -23.39
C ASP B 59 -10.99 8.74 -22.14
N PRO B 60 -10.92 10.04 -22.35
CA PRO B 60 -10.91 10.99 -21.20
C PRO B 60 -12.19 10.97 -20.34
N ASP B 61 -13.31 10.51 -20.91
CA ASP B 61 -14.56 10.36 -20.19
C ASP B 61 -14.83 8.91 -19.66
N ALA B 62 -13.81 8.02 -19.61
CA ALA B 62 -14.16 6.70 -19.17
C ALA B 62 -14.34 6.75 -17.65
N VAL B 63 -15.23 5.88 -17.16
CA VAL B 63 -15.35 5.70 -15.74
C VAL B 63 -14.08 5.04 -15.13
N TYR B 64 -13.47 5.74 -14.17
CA TYR B 64 -12.20 5.26 -13.62
C TYR B 64 -12.45 4.25 -12.45
N GLY B 65 -13.50 4.52 -11.64
CA GLY B 65 -13.81 3.63 -10.47
C GLY B 65 -15.28 3.83 -10.08
N TYR B 66 -15.79 2.96 -9.19
CA TYR B 66 -17.05 3.22 -8.53
C TYR B 66 -16.92 3.46 -7.04
N LEU B 67 -17.73 4.40 -6.54
CA LEU B 67 -17.67 4.77 -5.15
C LEU B 67 -19.04 4.52 -4.47
N SER B 68 -19.02 3.95 -3.28
CA SER B 68 -20.27 3.63 -2.63
C SER B 68 -20.22 4.04 -1.16
N ILE B 69 -21.28 4.70 -0.66
CA ILE B 69 -21.33 5.00 0.77
C ILE B 69 -22.74 4.46 1.21
N PRO B 70 -22.78 3.17 1.62
CA PRO B 70 -24.10 2.55 1.83
C PRO B 70 -24.91 3.38 2.82
N SER B 71 -24.25 3.98 3.82
CA SER B 71 -25.09 4.67 4.73
C SER B 71 -25.85 5.86 4.17
N LEU B 72 -25.46 6.39 3.00
CA LEU B 72 -26.15 7.53 2.40
C LEU B 72 -26.84 7.05 1.17
N GLU B 73 -26.82 5.74 0.94
CA GLU B 73 -27.22 5.16 -0.30
C GLU B 73 -26.64 5.89 -1.51
N ILE B 74 -25.33 6.02 -1.51
CA ILE B 74 -24.65 6.64 -2.65
C ILE B 74 -23.90 5.55 -3.36
N MET B 75 -24.10 5.46 -4.68
CA MET B 75 -23.33 4.55 -5.47
CA MET B 75 -23.39 4.48 -5.48
C MET B 75 -23.19 5.13 -6.87
N GLU B 76 -21.98 5.63 -7.17
CA GLU B 76 -21.79 6.48 -8.35
C GLU B 76 -20.49 6.14 -9.10
N PRO B 77 -20.53 6.30 -10.40
CA PRO B 77 -19.22 6.29 -11.07
C PRO B 77 -18.30 7.46 -10.73
N VAL B 78 -17.00 7.21 -10.80
CA VAL B 78 -16.02 8.29 -10.61
C VAL B 78 -15.30 8.62 -11.90
N TYR B 79 -15.40 9.90 -12.31
CA TYR B 79 -14.67 10.41 -13.53
C TYR B 79 -13.35 11.07 -13.21
N LEU B 80 -12.51 11.22 -14.23
CA LEU B 80 -11.28 11.92 -14.03
C LEU B 80 -11.40 13.36 -14.49
N GLY B 81 -11.14 14.27 -13.56
CA GLY B 81 -11.20 15.72 -13.88
C GLY B 81 -12.58 16.30 -13.50
N ALA B 82 -12.63 17.29 -12.60
CA ALA B 82 -13.88 17.74 -12.00
C ALA B 82 -14.31 18.97 -12.76
N ASP B 83 -14.86 18.79 -13.93
CA ASP B 83 -15.44 19.89 -14.71
C ASP B 83 -16.96 19.71 -14.64
N TYR B 84 -17.63 20.63 -15.29
CA TYR B 84 -19.07 20.70 -15.22
C TYR B 84 -19.67 19.51 -15.89
N HIS B 85 -19.07 19.12 -17.03
CA HIS B 85 -19.48 17.93 -17.75
C HIS B 85 -19.42 16.72 -16.83
N HIS B 86 -18.29 16.42 -16.21
CA HIS B 86 -18.18 15.23 -15.36
C HIS B 86 -19.05 15.30 -14.09
N LEU B 87 -19.09 16.47 -13.50
CA LEU B 87 -19.89 16.69 -12.31
C LEU B 87 -21.35 16.56 -12.57
N GLY B 88 -21.71 16.62 -13.85
CA GLY B 88 -23.14 16.45 -14.18
C GLY B 88 -23.49 15.00 -14.37
N MET B 89 -22.48 14.15 -14.48
CA MET B 89 -22.55 12.69 -14.77
C MET B 89 -22.29 11.79 -13.55
N GLY B 90 -21.63 12.27 -12.48
CA GLY B 90 -21.27 11.37 -11.40
C GLY B 90 -20.27 12.10 -10.55
N LEU B 91 -19.35 11.36 -9.92
CA LEU B 91 -18.38 12.04 -9.08
C LEU B 91 -17.14 12.28 -9.92
N ALA B 92 -16.20 13.11 -9.45
CA ALA B 92 -15.02 13.46 -10.35
C ALA B 92 -13.83 13.58 -9.47
N HIS B 93 -12.77 12.87 -9.84
CA HIS B 93 -11.49 13.08 -9.15
C HIS B 93 -10.96 14.47 -9.47
N VAL B 94 -10.41 15.12 -8.45
CA VAL B 94 -9.79 16.48 -8.59
C VAL B 94 -8.33 16.48 -9.02
N ASP B 95 -8.11 16.85 -10.26
CA ASP B 95 -6.76 16.85 -10.82
C ASP B 95 -5.82 17.63 -9.89
N GLY B 96 -4.58 17.12 -9.81
CA GLY B 96 -3.60 17.73 -8.94
C GLY B 96 -3.55 17.04 -7.58
N THR B 97 -4.53 16.16 -7.32
CA THR B 97 -4.46 15.34 -6.11
C THR B 97 -4.21 13.94 -6.63
N PRO B 98 -3.54 13.09 -5.81
CA PRO B 98 -3.30 11.69 -6.28
C PRO B 98 -4.57 10.87 -6.52
N LEU B 99 -4.49 9.98 -7.48
CA LEU B 99 -5.47 8.89 -7.61
C LEU B 99 -5.45 7.95 -6.36
N PRO B 100 -6.55 7.27 -6.09
CA PRO B 100 -6.69 6.58 -4.75
C PRO B 100 -5.88 5.26 -4.67
N LEU B 101 -4.55 5.33 -4.71
CA LEU B 101 -3.74 4.11 -4.64
C LEU B 101 -3.21 3.89 -3.25
N ASP B 102 -2.62 2.71 -2.99
CA ASP B 102 -2.07 2.50 -1.69
C ASP B 102 -0.80 3.34 -1.38
N GLY B 103 -0.36 3.44 -0.12
CA GLY B 103 0.92 4.14 0.10
C GLY B 103 0.81 5.30 1.05
N THR B 104 1.92 5.69 1.67
CA THR B 104 1.92 6.77 2.65
C THR B 104 1.70 8.13 1.97
N GLY B 105 0.94 8.99 2.64
CA GLY B 105 0.96 10.36 2.32
C GLY B 105 0.08 10.55 1.11
N ILE B 106 -0.85 9.62 0.80
CA ILE B 106 -1.79 9.85 -0.29
C ILE B 106 -3.05 10.55 0.28
N ARG B 107 -3.44 11.68 -0.30
CA ARG B 107 -4.73 12.30 -0.08
C ARG B 107 -5.45 12.56 -1.43
N SER B 108 -6.36 11.64 -1.75
CA SER B 108 -6.94 11.66 -3.07
C SER B 108 -8.33 12.33 -2.87
N VAL B 109 -8.63 13.33 -3.70
CA VAL B 109 -9.89 14.16 -3.53
C VAL B 109 -10.89 13.89 -4.67
N ILE B 110 -12.15 13.62 -4.31
CA ILE B 110 -13.22 13.26 -5.29
C ILE B 110 -14.30 14.33 -4.98
N ALA B 111 -14.74 15.04 -6.01
CA ALA B 111 -15.72 16.10 -5.87
C ALA B 111 -17.11 15.56 -6.28
N GLY B 112 -18.12 16.23 -5.80
CA GLY B 112 -19.50 15.88 -6.14
C GLY B 112 -20.43 17.03 -5.78
N HIS B 113 -21.42 17.29 -6.65
CA HIS B 113 -22.43 18.33 -6.42
C HIS B 113 -23.34 18.18 -5.20
N ARG B 114 -23.63 19.32 -4.56
CA ARG B 114 -24.52 19.36 -3.38
C ARG B 114 -26.02 19.34 -3.75
N ALA B 115 -26.34 20.04 -4.81
CA ALA B 115 -27.71 20.17 -5.22
C ALA B 115 -27.87 20.31 -6.74
N GLU B 116 -27.31 19.39 -7.51
CA GLU B 116 -27.47 19.37 -8.94
C GLU B 116 -28.92 19.00 -9.29
N PRO B 117 -29.50 19.65 -10.32
CA PRO B 117 -30.91 19.53 -10.56
C PRO B 117 -31.36 18.11 -10.64
N SER B 118 -30.57 17.17 -11.11
CA SER B 118 -31.23 15.91 -11.39
C SER B 118 -30.85 14.67 -10.51
N HIS B 119 -29.89 14.82 -9.59
CA HIS B 119 -29.31 13.70 -8.86
C HIS B 119 -28.81 14.17 -7.55
N VAL B 120 -28.91 13.34 -6.54
CA VAL B 120 -28.52 13.66 -5.21
C VAL B 120 -27.05 13.85 -5.02
N PHE B 121 -26.23 12.92 -5.52
CA PHE B 121 -24.76 13.02 -5.35
C PHE B 121 -24.37 13.28 -3.91
N PHE B 122 -23.61 14.35 -3.69
CA PHE B 122 -23.10 14.57 -2.33
C PHE B 122 -24.02 15.44 -1.39
N ARG B 123 -25.30 15.57 -1.80
CA ARG B 123 -26.26 16.36 -0.99
C ARG B 123 -26.13 16.17 0.54
N HIS B 124 -26.01 14.89 0.92
CA HIS B 124 -26.09 14.47 2.32
C HIS B 124 -24.77 14.18 3.06
N LEU B 125 -23.66 14.63 2.54
CA LEU B 125 -22.36 14.31 3.20
C LEU B 125 -22.30 14.82 4.63
N ASP B 126 -23.11 15.83 4.95
CA ASP B 126 -23.03 16.38 6.32
C ASP B 126 -23.60 15.37 7.35
N GLN B 127 -24.31 14.36 6.87
CA GLN B 127 -24.80 13.32 7.79
C GLN B 127 -23.75 12.25 8.21
N LEU B 128 -22.63 12.13 7.50
CA LEU B 128 -21.63 11.15 7.79
C LEU B 128 -21.11 11.29 9.24
N LYS B 129 -20.92 10.14 9.93
CA LYS B 129 -20.42 10.06 11.30
C LYS B 129 -19.11 9.28 11.24
N VAL B 130 -18.20 9.54 12.20
CA VAL B 130 -16.92 8.91 12.32
C VAL B 130 -17.14 7.38 12.28
N GLY B 131 -16.36 6.61 11.51
CA GLY B 131 -16.58 5.14 11.41
C GLY B 131 -17.49 4.75 10.23
N ASP B 132 -18.24 5.68 9.60
CA ASP B 132 -19.09 5.27 8.50
C ASP B 132 -18.23 4.79 7.31
N ALA B 133 -18.72 3.78 6.59
CA ALA B 133 -17.88 3.08 5.64
C ALA B 133 -18.05 3.78 4.30
N LEU B 134 -16.99 3.69 3.47
CA LEU B 134 -17.00 4.09 2.06
C LEU B 134 -16.24 2.91 1.43
N TYR B 135 -16.85 2.39 0.37
CA TYR B 135 -16.20 1.43 -0.50
C TYR B 135 -15.86 1.95 -1.92
N TYR B 136 -14.65 1.59 -2.39
CA TYR B 136 -14.18 2.07 -3.65
C TYR B 136 -13.76 0.91 -4.54
N ASP B 137 -14.42 0.79 -5.66
CA ASP B 137 -14.11 -0.36 -6.54
C ASP B 137 -13.26 0.05 -7.75
N ASN B 138 -12.06 -0.52 -7.88
CA ASN B 138 -11.22 -0.26 -9.07
C ASN B 138 -11.37 -1.25 -10.18
N GLY B 139 -12.32 -2.15 -10.02
CA GLY B 139 -12.52 -3.24 -11.00
C GLY B 139 -12.22 -4.57 -10.39
N GLN B 140 -11.03 -4.74 -9.84
CA GLN B 140 -10.55 -6.07 -9.36
C GLN B 140 -10.48 -6.12 -7.86
N GLU B 141 -10.66 -4.97 -7.22
CA GLU B 141 -10.52 -4.84 -5.76
C GLU B 141 -11.53 -3.83 -5.23
N ILE B 142 -11.91 -4.03 -3.97
CA ILE B 142 -12.72 -3.09 -3.28
C ILE B 142 -11.91 -2.56 -2.16
N VAL B 143 -11.75 -1.25 -2.11
CA VAL B 143 -10.90 -0.68 -1.04
C VAL B 143 -11.88 -0.12 -0.04
N GLU B 144 -11.66 -0.43 1.23
CA GLU B 144 -12.60 0.05 2.24
C GLU B 144 -11.94 1.23 2.96
N TYR B 145 -12.70 2.29 3.17
CA TYR B 145 -12.25 3.46 3.95
C TYR B 145 -13.25 3.70 5.15
N GLN B 146 -12.86 4.40 6.19
CA GLN B 146 -13.82 4.79 7.20
C GLN B 146 -13.71 6.27 7.57
N MET B 147 -14.89 6.87 7.83
CA MET B 147 -14.95 8.35 7.96
C MET B 147 -14.14 8.74 9.18
N MET B 148 -13.27 9.73 9.02
CA MET B 148 -12.46 10.17 10.15
CA MET B 148 -12.40 10.17 10.09
C MET B 148 -12.90 11.52 10.69
N ASP B 149 -13.01 12.54 9.82
CA ASP B 149 -13.34 13.87 10.27
C ASP B 149 -13.72 14.75 9.05
N THR B 150 -14.16 15.97 9.34
CA THR B 150 -14.59 16.94 8.31
C THR B 150 -13.92 18.29 8.56
N GLU B 151 -13.89 19.12 7.54
CA GLU B 151 -13.40 20.47 7.68
C GLU B 151 -14.29 21.32 6.79
N ILE B 152 -14.44 22.59 7.18
CA ILE B 152 -15.00 23.57 6.23
C ILE B 152 -13.88 24.47 5.68
N ILE B 153 -13.75 24.64 4.36
CA ILE B 153 -12.70 25.61 3.86
C ILE B 153 -13.27 26.64 2.88
N LEU B 154 -12.48 27.65 2.51
CA LEU B 154 -12.90 28.60 1.47
C LEU B 154 -12.32 28.05 0.15
N PRO B 155 -13.00 28.27 -1.03
CA PRO B 155 -12.57 27.74 -2.33
C PRO B 155 -11.14 28.13 -2.74
N SER B 156 -10.64 29.25 -2.24
CA SER B 156 -9.34 29.75 -2.63
C SER B 156 -8.24 29.03 -1.82
N GLU B 157 -8.64 28.40 -0.73
CA GLU B 157 -7.67 27.67 0.08
C GLU B 157 -7.31 26.27 -0.49
N TRP B 158 -6.80 26.23 -1.72
CA TRP B 158 -6.43 24.95 -2.37
C TRP B 158 -5.33 24.15 -1.60
N GLU B 159 -4.42 24.82 -0.87
CA GLU B 159 -3.45 24.11 -0.02
C GLU B 159 -4.14 23.15 0.99
N LYS B 160 -5.35 23.47 1.35
CA LYS B 160 -6.05 22.65 2.28
C LYS B 160 -6.58 21.41 1.68
N LEU B 161 -6.45 21.25 0.38
CA LEU B 161 -6.63 19.92 -0.26
C LEU B 161 -5.41 19.00 -0.25
N GLU B 162 -4.24 19.46 0.21
CA GLU B 162 -3.03 18.61 0.13
C GLU B 162 -2.91 17.77 1.37
N SER B 163 -2.23 16.63 1.27
CA SER B 163 -2.09 15.70 2.36
C SER B 163 -1.41 16.47 3.51
N VAL B 164 -1.83 16.24 4.75
CA VAL B 164 -1.16 16.83 5.87
C VAL B 164 -0.58 15.80 6.77
N SER B 165 -0.47 14.57 6.28
CA SER B 165 -0.04 13.47 7.13
C SER B 165 0.46 12.23 6.36
N SER B 166 1.01 11.25 7.06
CA SER B 166 1.50 10.01 6.40
C SER B 166 0.35 9.05 6.09
N LYS B 167 -0.86 9.42 6.49
CA LYS B 167 -1.98 8.53 6.30
C LYS B 167 -2.35 8.40 4.79
N ASN B 168 -3.16 7.40 4.48
CA ASN B 168 -3.76 7.17 3.19
C ASN B 168 -5.26 7.53 3.31
N ILE B 169 -5.64 8.65 2.67
CA ILE B 169 -6.91 9.31 2.88
C ILE B 169 -7.61 9.46 1.56
N MET B 170 -8.92 9.38 1.59
CA MET B 170 -9.73 9.85 0.47
C MET B 170 -10.58 11.03 0.98
N THR B 171 -10.48 12.19 0.36
CA THR B 171 -11.26 13.35 0.84
C THR B 171 -12.37 13.62 -0.14
N LEU B 172 -13.61 13.71 0.39
CA LEU B 172 -14.79 14.13 -0.41
C LEU B 172 -15.04 15.64 -0.27
N ILE B 173 -15.20 16.35 -1.39
CA ILE B 173 -15.44 17.80 -1.29
C ILE B 173 -16.76 18.08 -2.01
N THR B 174 -17.51 19.01 -1.42
CA THR B 174 -18.74 19.46 -2.04
C THR B 174 -18.99 20.82 -1.54
N CYS B 175 -20.07 21.45 -2.01
CA CYS B 175 -20.27 22.88 -1.73
C CYS B 175 -21.14 23.06 -0.49
N ASP B 176 -20.95 24.14 0.24
CA ASP B 176 -21.62 24.32 1.49
C ASP B 176 -21.61 25.83 1.79
N PRO B 177 -22.67 26.35 2.43
CA PRO B 177 -23.88 25.66 2.79
C PRO B 177 -24.97 25.94 1.71
N ILE B 178 -26.04 25.15 1.71
CA ILE B 178 -27.12 25.38 0.77
C ILE B 178 -27.85 26.66 1.24
N PRO B 179 -28.19 27.61 0.33
CA PRO B 179 -27.94 27.72 -1.10
C PRO B 179 -26.74 28.58 -1.53
N THR B 180 -26.03 29.16 -0.56
CA THR B 180 -25.00 30.13 -0.76
C THR B 180 -23.78 29.53 -1.42
N PHE B 181 -23.35 28.35 -0.94
CA PHE B 181 -22.30 27.54 -1.55
C PHE B 181 -21.03 28.32 -1.65
N ASN B 182 -20.79 29.22 -0.72
CA ASN B 182 -19.57 29.97 -0.76
C ASN B 182 -18.41 29.32 0.06
N LYS B 183 -18.64 28.09 0.50
CA LYS B 183 -17.58 27.31 1.19
C LYS B 183 -17.49 25.88 0.67
N ARG B 184 -16.62 25.07 1.28
CA ARG B 184 -16.49 23.72 0.72
C ARG B 184 -16.47 22.90 1.94
N LEU B 185 -17.34 21.91 1.95
CA LEU B 185 -17.34 20.80 2.89
C LEU B 185 -16.31 19.72 2.47
N LEU B 186 -15.37 19.48 3.37
CA LEU B 186 -14.46 18.29 3.18
C LEU B 186 -14.79 17.18 4.13
N VAL B 187 -14.86 15.92 3.67
CA VAL B 187 -15.02 14.84 4.64
C VAL B 187 -13.91 13.82 4.32
N ASN B 188 -13.10 13.53 5.33
CA ASN B 188 -11.88 12.75 5.21
C ASN B 188 -12.14 11.34 5.68
N PHE B 189 -11.68 10.40 4.90
CA PHE B 189 -11.87 9.03 5.22
C PHE B 189 -10.48 8.37 5.24
N GLU B 190 -10.26 7.37 6.12
CA GLU B 190 -8.96 6.74 6.11
C GLU B 190 -9.10 5.27 5.61
N ARG B 191 -8.14 4.87 4.77
CA ARG B 191 -8.13 3.53 4.21
C ARG B 191 -8.00 2.51 5.29
N VAL B 192 -8.81 1.50 5.13
CA VAL B 192 -8.87 0.43 6.13
C VAL B 192 -8.40 -0.91 5.50
N ALA B 193 -8.85 -1.26 4.31
CA ALA B 193 -8.44 -2.58 3.87
C ALA B 193 -8.68 -2.58 2.37
N VAL B 194 -8.15 -3.58 1.67
CA VAL B 194 -8.34 -3.79 0.24
C VAL B 194 -8.75 -5.29 0.10
N TYR B 195 -9.83 -5.55 -0.61
CA TYR B 195 -10.32 -6.88 -0.82
C TYR B 195 -10.14 -7.20 -2.26
N GLN B 196 -9.57 -8.38 -2.50
CA GLN B 196 -9.37 -8.90 -3.85
C GLN B 196 -10.70 -9.55 -4.21
N LYS B 197 -11.20 -9.29 -5.40
CA LYS B 197 -12.42 -9.99 -5.76
C LYS B 197 -12.23 -11.48 -5.98
N SER B 198 -10.97 -11.91 -6.13
CA SER B 198 -10.66 -13.30 -6.24
C SER B 198 -10.84 -14.04 -4.92
N ASP B 199 -10.93 -13.35 -3.78
CA ASP B 199 -11.08 -14.01 -2.53
C ASP B 199 -12.56 -14.19 -2.16
N PRO B 200 -12.95 -15.44 -1.83
CA PRO B 200 -14.36 -15.70 -1.47
C PRO B 200 -14.95 -14.76 -0.43
N GLN B 201 -14.20 -14.23 0.52
CA GLN B 201 -14.79 -13.31 1.54
C GLN B 201 -15.26 -11.97 0.95
N THR B 202 -14.75 -11.66 -0.23
CA THR B 202 -15.03 -10.38 -0.84
C THR B 202 -16.49 -10.23 -1.30
N ALA B 203 -17.13 -11.35 -1.58
CA ALA B 203 -18.50 -11.38 -2.02
C ALA B 203 -19.45 -10.62 -1.03
N ALA B 204 -19.27 -10.78 0.27
CA ALA B 204 -20.10 -10.08 1.23
C ALA B 204 -19.84 -8.53 1.18
N VAL B 205 -18.58 -8.07 0.90
CA VAL B 205 -18.29 -6.67 0.79
C VAL B 205 -19.01 -6.16 -0.47
N ALA B 206 -18.87 -6.91 -1.55
CA ALA B 206 -19.45 -6.47 -2.81
C ALA B 206 -20.98 -6.35 -2.62
N ARG B 207 -21.53 -7.20 -1.76
CA ARG B 207 -22.97 -7.32 -1.75
C ARG B 207 -23.59 -6.14 -1.01
N VAL B 208 -22.88 -5.75 0.02
CA VAL B 208 -23.26 -4.69 0.92
C VAL B 208 -23.04 -3.31 0.26
N ALA B 209 -21.94 -3.19 -0.49
CA ALA B 209 -21.47 -1.94 -1.14
C ALA B 209 -22.18 -1.65 -2.48
N PHE B 210 -22.40 -2.70 -3.30
CA PHE B 210 -22.88 -2.54 -4.70
C PHE B 210 -24.21 -3.30 -5.02
N THR B 211 -25.15 -3.35 -4.07
CA THR B 211 -26.55 -3.63 -4.47
C THR B 211 -27.55 -2.87 -3.60
N LYS B 212 -27.30 -2.82 -2.38
O1 MES C . 2.80 0.50 -7.35
C2 MES C . 3.34 0.98 -6.11
C3 MES C . 3.59 -0.11 -5.06
N4 MES C . 3.95 -1.42 -5.63
C5 MES C . 3.52 -1.79 -6.99
C6 MES C . 3.56 -0.55 -7.93
C7 MES C . 4.52 -2.49 -4.78
C8 MES C . 4.98 -2.14 -3.37
S MES C . 5.11 -3.58 -2.45
O1S MES C . 5.92 -4.44 -3.19
O2S MES C . 5.83 -3.19 -1.19
O3S MES C . 3.76 -4.06 -2.15
O1 MES D . -1.84 -5.90 -4.64
C2 MES D . -2.78 -5.48 -3.66
C3 MES D . -2.76 -3.95 -3.78
N4 MES D . -3.04 -3.53 -5.19
C5 MES D . -2.59 -4.35 -6.36
C6 MES D . -2.38 -5.84 -5.98
C7 MES D . -3.50 -2.10 -5.42
C8 MES D . -4.52 -1.42 -4.40
S MES D . -4.45 0.24 -4.92
O1S MES D . -5.15 0.13 -6.14
O2S MES D . -5.30 0.97 -3.95
O3S MES D . -3.11 0.83 -4.97
#